data_3F62
#
_entry.id   3F62
#
_cell.length_a   36.356
_cell.length_b   69.210
_cell.length_c   104.832
_cell.angle_alpha   90.00
_cell.angle_beta   90.00
_cell.angle_gamma   90.00
#
_symmetry.space_group_name_H-M   'P 21 21 21'
#
loop_
_entity.id
_entity.type
_entity.pdbx_description
1 polymer 'Interleukin 18 binding protein'
2 polymer Interleukin-18
3 water water
#
loop_
_entity_poly.entity_id
_entity_poly.type
_entity_poly.pdbx_seq_one_letter_code
_entity_poly.pdbx_strand_id
1 'polypeptide(L)'
;GAMVETKCPNLDIVTSSGEFHCSGCVEHMPEFSYMYWLAKDMKSDEDTKFIEHLGDGINEDETVRTTDGGITTLRKVLHV
TDTNKFAHYRFTCVLTTLDGVSKKNIWLK
;
A
2 'polypeptide(L)'
;GYFGKLESKLSVIRNLNDQVLFIDQGNRPLFEDMTDSDSRDNAPRTIFIISMYKDSQPRGMAVTISVKSEKISTLSSENK
IISFKEMNPPDNIKDTKSDIIFFQRSVPGHDNKMQFESSSYEGYFLASEKERDLFKLILKKEDELGDRSIMFTVQNED
;
B
#
# COMPACT_ATOMS: atom_id res chain seq x y z
N GLY A 1 -0.72 -26.94 -17.35
CA GLY A 1 -1.43 -28.24 -17.12
C GLY A 1 -0.76 -29.01 -16.00
N ALA A 2 0.21 -28.38 -15.33
CA ALA A 2 0.91 -29.01 -14.20
C ALA A 2 -0.06 -29.22 -13.06
N MET A 3 -0.16 -30.45 -12.56
CA MET A 3 -1.13 -30.76 -11.50
C MET A 3 -0.55 -30.61 -10.09
N VAL A 4 -0.16 -29.37 -9.79
CA VAL A 4 0.57 -29.03 -8.56
C VAL A 4 0.00 -27.70 -8.10
N GLU A 5 0.24 -27.36 -6.84
CA GLU A 5 -0.15 -26.08 -6.31
C GLU A 5 0.62 -24.96 -6.98
N THR A 6 0.06 -23.75 -6.95
CA THR A 6 0.77 -22.53 -7.39
C THR A 6 1.29 -21.83 -6.14
N LYS A 7 2.60 -21.58 -6.10
CA LYS A 7 3.19 -20.75 -5.05
C LYS A 7 3.21 -19.28 -5.46
N CYS A 8 2.68 -18.46 -4.59
CA CYS A 8 2.81 -17.04 -4.74
C CYS A 8 3.48 -16.42 -3.51
N PRO A 9 4.38 -15.46 -3.72
CA PRO A 9 4.65 -14.89 -5.01
C PRO A 9 5.66 -15.60 -5.91
N ASN A 10 6.43 -16.53 -5.36
CA ASN A 10 7.49 -17.17 -6.09
C ASN A 10 8.44 -16.16 -6.72
N LEU A 11 8.87 -15.17 -5.97
CA LEU A 11 9.64 -14.04 -6.44
C LEU A 11 10.94 -14.52 -7.08
N ASP A 12 11.28 -13.99 -8.22
CA ASP A 12 12.47 -14.42 -8.94
C ASP A 12 13.11 -13.16 -9.50
N ILE A 13 14.44 -13.10 -9.58
CA ILE A 13 15.10 -11.99 -10.28
C ILE A 13 16.01 -12.57 -11.33
N VAL A 14 15.82 -12.19 -12.59
CA VAL A 14 16.64 -12.70 -13.70
C VAL A 14 17.51 -11.56 -14.16
N THR A 15 18.74 -11.83 -14.57
CA THR A 15 19.59 -10.76 -15.06
C THR A 15 19.72 -10.83 -16.58
N SER A 16 19.79 -9.66 -17.22
CA SER A 16 20.22 -9.59 -18.60
C SER A 16 21.18 -8.41 -18.71
N SER A 17 21.74 -8.16 -19.89
CA SER A 17 22.70 -7.09 -20.05
C SER A 17 22.15 -5.78 -19.49
N GLY A 18 22.81 -5.28 -18.45
CA GLY A 18 22.47 -4.01 -17.81
C GLY A 18 21.13 -3.97 -17.03
N GLU A 19 20.47 -5.12 -16.86
CA GLU A 19 19.10 -5.15 -16.36
C GLU A 19 18.87 -6.27 -15.32
N PHE A 20 18.03 -5.97 -14.33
CA PHE A 20 17.45 -6.97 -13.43
C PHE A 20 15.97 -7.09 -13.70
N HIS A 21 15.47 -8.30 -13.90
CA HIS A 21 14.05 -8.52 -14.19
C HIS A 21 13.42 -9.20 -12.99
N CYS A 22 12.54 -8.51 -12.27
CA CYS A 22 11.86 -9.14 -11.15
C CYS A 22 10.50 -9.62 -11.61
N SER A 23 10.06 -10.79 -11.12
CA SER A 23 8.72 -11.27 -11.42
C SER A 23 8.16 -11.91 -10.17
N GLY A 24 6.85 -11.84 -9.99
CA GLY A 24 6.19 -12.46 -8.87
C GLY A 24 4.73 -12.44 -9.12
N CYS A 25 3.99 -13.33 -8.46
CA CYS A 25 2.55 -13.40 -8.72
C CYS A 25 1.72 -13.11 -7.49
N VAL A 26 0.47 -12.73 -7.73
CA VAL A 26 -0.47 -12.51 -6.66
C VAL A 26 -1.82 -13.04 -7.12
N GLU A 27 -2.54 -13.68 -6.22
CA GLU A 27 -3.83 -14.22 -6.58
C GLU A 27 -4.97 -13.53 -5.87
N HIS A 28 -4.72 -13.08 -4.64
CA HIS A 28 -5.78 -12.60 -3.79
C HIS A 28 -5.86 -11.09 -3.93
N MET A 29 -7.04 -10.59 -4.31
CA MET A 29 -7.28 -9.14 -4.49
C MET A 29 -6.17 -8.46 -5.29
N PRO A 30 -5.89 -8.96 -6.48
CA PRO A 30 -4.71 -8.55 -7.23
C PRO A 30 -4.70 -7.05 -7.57
N GLU A 31 -5.85 -6.41 -7.58
CA GLU A 31 -5.89 -5.00 -7.85
C GLU A 31 -5.22 -4.11 -6.81
N PHE A 32 -5.17 -4.57 -5.57
CA PHE A 32 -4.37 -4.03 -4.51
C PHE A 32 -3.02 -4.72 -4.34
N SER A 33 -2.11 -4.46 -5.24
CA SER A 33 -0.76 -5.03 -5.22
C SER A 33 0.10 -4.11 -6.07
N TYR A 34 1.39 -4.12 -5.78
CA TYR A 34 2.36 -3.35 -6.54
C TYR A 34 3.74 -3.93 -6.32
N MET A 35 4.65 -3.58 -7.21
CA MET A 35 6.02 -4.03 -7.20
C MET A 35 6.90 -2.78 -7.37
N TYR A 36 8.01 -2.74 -6.65
CA TYR A 36 8.96 -1.63 -6.80
C TYR A 36 10.32 -2.08 -6.38
N TRP A 37 11.32 -1.34 -6.82
CA TRP A 37 12.70 -1.66 -6.45
C TRP A 37 13.20 -0.70 -5.39
N LEU A 38 14.17 -1.19 -4.61
CA LEU A 38 14.87 -0.40 -3.59
C LEU A 38 16.37 -0.65 -3.75
N ALA A 39 17.16 0.24 -3.22
CA ALA A 39 18.60 0.11 -3.24
C ALA A 39 19.24 0.70 -2.00
N LYS A 40 20.29 0.05 -1.56
CA LYS A 40 21.06 0.49 -0.42
C LYS A 40 22.53 0.35 -0.70
N ASP A 41 23.23 1.44 -0.55
CA ASP A 41 24.68 1.51 -0.48
C ASP A 41 25.22 0.78 0.71
N MET A 42 25.81 -0.36 0.48
CA MET A 42 26.20 -1.21 1.54
C MET A 42 27.56 -0.80 1.97
N LYS A 43 28.17 0.05 1.20
CA LYS A 43 29.35 0.65 1.66
C LYS A 43 29.12 1.90 2.44
N SER A 44 27.89 2.38 2.67
CA SER A 44 27.89 3.63 3.37
C SER A 44 26.85 3.46 4.37
N ASP A 45 26.57 4.46 5.17
CA ASP A 45 25.44 4.34 6.05
C ASP A 45 24.24 5.16 5.63
N GLU A 46 24.10 5.43 4.35
CA GLU A 46 22.89 6.03 3.83
C GLU A 46 21.71 5.08 3.87
N ASP A 47 20.53 5.55 4.05
CA ASP A 47 19.30 4.76 4.14
C ASP A 47 18.99 4.02 2.82
N THR A 48 18.17 3.09 2.84
CA THR A 48 17.57 2.52 1.64
C THR A 48 16.78 3.59 0.87
N LYS A 49 16.94 3.61 -0.39
CA LYS A 49 16.29 4.64 -1.20
C LYS A 49 15.45 4.07 -2.33
N PHE A 50 14.46 4.84 -2.75
CA PHE A 50 13.75 4.59 -3.97
C PHE A 50 14.63 4.89 -5.16
N ILE A 51 14.41 4.20 -6.25
CA ILE A 51 15.27 4.29 -7.41
C ILE A 51 15.45 5.71 -7.98
N GLU A 52 14.39 6.48 -7.92
CA GLU A 52 14.34 7.84 -8.41
C GLU A 52 15.13 8.81 -7.57
N HIS A 53 15.63 8.35 -6.47
CA HIS A 53 16.42 9.20 -5.59
C HIS A 53 17.89 8.78 -5.55
N LEU A 54 18.32 8.02 -6.56
CA LEU A 54 19.70 7.56 -6.71
C LEU A 54 20.52 8.40 -7.67
N GLY A 55 19.88 9.35 -8.35
CA GLY A 55 20.58 10.13 -9.36
C GLY A 55 20.79 9.34 -10.64
N ASP A 56 21.78 9.76 -11.43
CA ASP A 56 21.96 9.19 -12.76
C ASP A 56 22.48 7.76 -12.72
N GLY A 57 22.21 7.04 -13.80
CA GLY A 57 22.87 5.77 -14.09
C GLY A 57 21.99 4.59 -13.77
N ILE A 58 20.75 4.87 -13.36
CA ILE A 58 19.83 3.82 -12.95
C ILE A 58 18.37 4.24 -13.13
N ASN A 59 17.52 3.30 -13.50
CA ASN A 59 16.08 3.58 -13.54
C ASN A 59 15.26 2.32 -13.59
N GLU A 60 14.05 2.42 -13.07
CA GLU A 60 13.15 1.29 -13.10
C GLU A 60 12.03 1.60 -14.07
N ASP A 61 11.61 0.59 -14.83
CA ASP A 61 10.49 0.74 -15.75
C ASP A 61 9.18 0.55 -14.98
N GLU A 62 8.08 0.98 -15.58
CA GLU A 62 6.77 0.74 -15.01
C GLU A 62 6.53 -0.77 -14.90
N THR A 63 5.85 -1.19 -13.83
CA THR A 63 5.50 -2.61 -13.65
C THR A 63 4.62 -3.05 -14.80
N VAL A 64 4.78 -4.30 -15.22
CA VAL A 64 3.89 -4.89 -16.19
C VAL A 64 3.01 -5.93 -15.49
N ARG A 65 1.70 -5.77 -15.66
CA ARG A 65 0.67 -6.59 -15.02
C ARG A 65 -0.02 -7.48 -16.05
N THR A 66 0.05 -8.78 -15.81
CA THR A 66 -0.61 -9.77 -16.68
C THR A 66 -1.41 -10.71 -15.80
N THR A 67 -2.42 -11.34 -16.37
CA THR A 67 -3.18 -12.34 -15.69
C THR A 67 -3.34 -13.58 -16.49
N ASP A 68 -3.23 -14.73 -15.84
CA ASP A 68 -3.55 -16.01 -16.45
C ASP A 68 -3.99 -17.07 -15.46
N GLY A 69 -5.00 -17.81 -15.84
CA GLY A 69 -5.48 -18.91 -15.04
C GLY A 69 -5.83 -18.47 -13.65
N GLY A 70 -6.28 -17.25 -13.53
CA GLY A 70 -6.72 -16.67 -12.25
C GLY A 70 -5.63 -16.07 -11.37
N ILE A 71 -4.41 -15.98 -11.89
CA ILE A 71 -3.23 -15.52 -11.18
C ILE A 71 -2.70 -14.30 -11.90
N THR A 72 -2.45 -13.21 -11.17
CA THR A 72 -1.80 -12.04 -11.73
C THR A 72 -0.30 -12.12 -11.55
N THR A 73 0.46 -11.82 -12.59
CA THR A 73 1.96 -11.75 -12.47
C THR A 73 2.33 -10.31 -12.62
N LEU A 74 3.22 -9.85 -11.74
CA LEU A 74 3.85 -8.54 -11.88
C LEU A 74 5.33 -8.71 -12.24
N ARG A 75 5.78 -7.90 -13.23
CA ARG A 75 7.17 -7.91 -13.63
C ARG A 75 7.71 -6.48 -13.69
N LYS A 76 8.94 -6.29 -13.26
CA LYS A 76 9.44 -4.94 -13.19
C LYS A 76 10.95 -4.98 -13.44
N VAL A 77 11.35 -4.20 -14.43
CA VAL A 77 12.73 -4.18 -14.89
C VAL A 77 13.48 -3.03 -14.24
N LEU A 78 14.64 -3.32 -13.68
CA LEU A 78 15.51 -2.28 -13.18
C LEU A 78 16.72 -2.21 -14.10
N HIS A 79 16.97 -1.05 -14.70
CA HIS A 79 18.13 -0.84 -15.57
C HIS A 79 19.26 -0.18 -14.79
N VAL A 80 20.40 -0.87 -14.66
CA VAL A 80 21.58 -0.27 -14.04
C VAL A 80 22.60 -0.06 -15.14
N THR A 81 22.72 1.19 -15.55
CA THR A 81 23.55 1.50 -16.68
C THR A 81 24.94 1.96 -16.22
N ASP A 82 25.03 2.52 -15.02
CA ASP A 82 26.34 2.86 -14.43
C ASP A 82 26.68 1.84 -13.35
N THR A 83 27.25 0.72 -13.77
CA THR A 83 27.54 -0.37 -12.88
C THR A 83 28.70 -0.08 -11.97
N ASN A 84 29.60 0.77 -12.38
CA ASN A 84 30.53 1.34 -11.46
C ASN A 84 29.95 2.08 -10.24
N LYS A 85 29.05 3.01 -10.47
CA LYS A 85 28.43 3.77 -9.40
C LYS A 85 27.74 2.86 -8.36
N PHE A 86 27.13 1.80 -8.82
CA PHE A 86 26.27 0.96 -8.00
C PHE A 86 26.89 -0.41 -7.67
N ALA A 87 28.22 -0.51 -7.77
CA ALA A 87 28.93 -1.77 -7.56
C ALA A 87 28.73 -2.31 -6.13
N HIS A 88 28.55 -1.40 -5.19
CA HIS A 88 28.45 -1.76 -3.79
C HIS A 88 27.03 -1.57 -3.25
N TYR A 89 26.07 -1.54 -4.16
CA TYR A 89 24.68 -1.40 -3.78
C TYR A 89 23.98 -2.75 -3.68
N ARG A 90 23.15 -2.93 -2.66
CA ARG A 90 22.21 -4.05 -2.62
C ARG A 90 20.87 -3.58 -3.17
N PHE A 91 20.37 -4.27 -4.20
CA PHE A 91 19.07 -4.00 -4.76
C PHE A 91 18.04 -5.01 -4.27
N THR A 92 16.84 -4.52 -4.03
CA THR A 92 15.76 -5.36 -3.47
C THR A 92 14.49 -5.14 -4.30
N CYS A 93 13.89 -6.21 -4.78
CA CYS A 93 12.58 -6.14 -5.42
C CYS A 93 11.54 -6.42 -4.38
N VAL A 94 10.51 -5.59 -4.35
CA VAL A 94 9.48 -5.70 -3.35
C VAL A 94 8.16 -5.93 -4.06
N LEU A 95 7.39 -6.91 -3.61
CA LEU A 95 6.02 -7.07 -4.07
C LEU A 95 5.08 -6.96 -2.87
N THR A 96 4.20 -5.99 -2.91
CA THR A 96 3.30 -5.71 -1.80
C THR A 96 1.87 -6.09 -2.17
N THR A 97 1.20 -6.81 -1.28
CA THR A 97 -0.17 -7.23 -1.48
C THR A 97 -0.97 -6.97 -0.18
N LEU A 98 -2.26 -7.34 -0.21
CA LEU A 98 -3.07 -7.33 0.99
C LEU A 98 -2.75 -8.43 2.01
N ASP A 99 -1.89 -9.38 1.64
CA ASP A 99 -1.53 -10.46 2.55
C ASP A 99 -0.19 -10.15 3.18
N GLY A 100 0.52 -9.18 2.62
CA GLY A 100 1.80 -8.77 3.17
C GLY A 100 2.83 -8.43 2.11
N VAL A 101 4.10 -8.50 2.49
CA VAL A 101 5.15 -8.06 1.58
C VAL A 101 6.14 -9.21 1.37
N SER A 102 6.66 -9.28 0.15
CA SER A 102 7.73 -10.19 -0.20
C SER A 102 8.85 -9.43 -0.85
N LYS A 103 10.06 -9.77 -0.51
CA LYS A 103 11.23 -9.04 -1.00
C LYS A 103 12.28 -10.04 -1.43
N LYS A 104 13.08 -9.69 -2.42
CA LYS A 104 14.20 -10.51 -2.87
C LYS A 104 15.38 -9.57 -3.16
N ASN A 105 16.57 -9.91 -2.64
CA ASN A 105 17.77 -9.11 -2.87
C ASN A 105 18.57 -9.57 -4.07
N ILE A 106 19.29 -8.65 -4.70
CA ILE A 106 20.30 -8.99 -5.67
C ILE A 106 21.44 -7.97 -5.67
N TRP A 107 22.62 -8.42 -6.10
CA TRP A 107 23.78 -7.54 -6.23
C TRP A 107 24.34 -7.66 -7.64
N LEU A 108 25.06 -6.63 -8.12
CA LEU A 108 25.66 -6.69 -9.47
C LEU A 108 26.67 -7.82 -9.69
N GLY B 1 11.56 4.19 7.04
CA GLY B 1 12.26 5.13 6.13
C GLY B 1 11.31 6.20 5.64
N TYR B 2 10.84 6.05 4.40
CA TYR B 2 9.94 7.04 3.80
C TYR B 2 9.02 6.39 2.74
N PHE B 3 7.99 7.13 2.32
CA PHE B 3 6.91 6.59 1.49
C PHE B 3 6.83 7.36 0.19
N GLY B 4 6.44 6.69 -0.89
CA GLY B 4 6.29 7.36 -2.15
C GLY B 4 4.98 6.97 -2.79
N LYS B 5 4.24 7.96 -3.26
CA LYS B 5 2.88 7.73 -3.76
C LYS B 5 2.92 6.98 -5.08
N LEU B 6 2.07 5.97 -5.20
CA LEU B 6 1.88 5.24 -6.44
C LEU B 6 0.41 5.47 -6.73
N GLU B 7 -0.26 4.49 -7.33
CA GLU B 7 -1.56 4.66 -7.96
C GLU B 7 -2.68 4.84 -6.94
N SER B 8 -3.81 5.34 -7.41
CA SER B 8 -5.00 5.55 -6.59
C SER B 8 -6.17 4.75 -7.13
N LYS B 9 -7.05 4.34 -6.24
CA LYS B 9 -8.28 3.73 -6.60
C LYS B 9 -9.43 4.49 -6.01
N LEU B 10 -10.43 4.77 -6.81
CA LEU B 10 -11.68 5.30 -6.31
C LEU B 10 -12.58 4.24 -5.74
N SER B 11 -13.07 4.48 -4.55
CA SER B 11 -13.56 3.45 -3.69
C SER B 11 -14.76 3.93 -2.91
N VAL B 12 -15.75 3.07 -2.77
CA VAL B 12 -16.81 3.26 -1.79
C VAL B 12 -16.50 2.31 -0.65
N ILE B 13 -16.56 2.82 0.58
CA ILE B 13 -16.24 2.03 1.79
C ILE B 13 -17.48 1.84 2.66
N ARG B 14 -17.74 0.58 2.97
CA ARG B 14 -18.90 0.22 3.79
C ARG B 14 -18.48 -0.56 5.03
N ASN B 15 -19.18 -0.32 6.14
CA ASN B 15 -18.95 -1.09 7.35
C ASN B 15 -19.75 -2.38 7.30
N LEU B 16 -19.71 -3.12 8.39
CA LEU B 16 -20.38 -4.40 8.57
C LEU B 16 -21.89 -4.26 8.44
N ASN B 17 -22.47 -3.12 8.71
CA ASN B 17 -23.90 -2.94 8.56
C ASN B 17 -24.35 -2.51 7.15
N ASP B 18 -23.43 -2.52 6.19
CA ASP B 18 -23.75 -2.10 4.81
C ASP B 18 -24.01 -0.57 4.73
N GLN B 19 -23.53 0.17 5.73
CA GLN B 19 -23.59 1.64 5.71
C GLN B 19 -22.33 2.22 5.04
N VAL B 20 -22.51 3.32 4.33
CA VAL B 20 -21.48 3.92 3.51
C VAL B 20 -20.79 5.05 4.27
N LEU B 21 -19.47 5.00 4.24
CA LEU B 21 -18.64 6.05 4.80
C LEU B 21 -18.83 7.31 3.96
N PHE B 22 -18.91 8.45 4.62
CA PHE B 22 -19.02 9.72 3.91
C PHE B 22 -18.38 10.82 4.73
N ILE B 23 -18.06 11.94 4.08
CA ILE B 23 -17.56 13.10 4.81
C ILE B 23 -18.72 14.09 4.93
N ASP B 24 -19.07 14.42 6.17
CA ASP B 24 -20.27 15.19 6.41
C ASP B 24 -19.99 16.68 6.30
N GLN B 25 -21.04 17.48 6.47
CA GLN B 25 -20.91 18.93 6.39
C GLN B 25 -19.90 19.52 7.37
N GLY B 26 -19.57 18.77 8.41
CA GLY B 26 -18.59 19.24 9.38
C GLY B 26 -17.24 18.60 9.22
N ASN B 27 -16.97 18.04 8.05
CA ASN B 27 -15.74 17.26 7.79
C ASN B 27 -15.50 16.08 8.76
N ARG B 28 -16.58 15.42 9.18
CA ARG B 28 -16.45 14.26 10.04
C ARG B 28 -16.70 12.99 9.22
N PRO B 29 -15.87 11.95 9.44
CA PRO B 29 -16.14 10.69 8.77
C PRO B 29 -17.23 9.93 9.50
N LEU B 30 -18.37 9.81 8.83
CA LEU B 30 -19.58 9.21 9.37
C LEU B 30 -20.02 8.10 8.42
N PHE B 31 -20.91 7.22 8.92
CA PHE B 31 -21.55 6.19 8.09
C PHE B 31 -23.06 6.40 7.97
N GLU B 32 -23.60 6.17 6.78
CA GLU B 32 -25.02 6.41 6.48
C GLU B 32 -25.63 5.26 5.63
N ASP B 33 -26.94 5.09 5.70
CA ASP B 33 -27.67 4.19 4.78
C ASP B 33 -27.70 4.75 3.35
N ALA B 43 -22.15 9.63 -5.44
CA ALA B 43 -22.29 10.87 -4.70
C ALA B 43 -20.93 11.17 -4.11
N PRO B 44 -20.47 12.38 -4.28
CA PRO B 44 -19.04 12.67 -4.17
C PRO B 44 -18.44 12.62 -2.77
N ARG B 45 -19.23 12.86 -1.75
CA ARG B 45 -18.77 12.79 -0.39
C ARG B 45 -18.66 11.34 0.10
N THR B 46 -19.11 10.42 -0.71
CA THR B 46 -18.93 9.02 -0.49
C THR B 46 -17.87 8.37 -1.34
N ILE B 47 -17.22 9.10 -2.20
CA ILE B 47 -16.24 8.50 -3.07
C ILE B 47 -14.88 8.72 -2.45
N PHE B 48 -14.28 7.68 -1.96
CA PHE B 48 -12.96 7.81 -1.38
C PHE B 48 -11.85 7.40 -2.30
N ILE B 49 -10.74 8.12 -2.19
CA ILE B 49 -9.55 7.84 -2.96
C ILE B 49 -8.55 7.10 -2.08
N ILE B 50 -8.28 5.84 -2.41
CA ILE B 50 -7.30 5.10 -1.64
C ILE B 50 -6.03 5.14 -2.51
N SER B 51 -5.00 5.81 -1.99
CA SER B 51 -3.71 5.97 -2.69
C SER B 51 -2.70 5.03 -2.04
N MET B 52 -2.07 4.21 -2.87
CA MET B 52 -1.12 3.24 -2.40
C MET B 52 0.26 3.88 -2.37
N TYR B 53 1.03 3.57 -1.35
CA TYR B 53 2.40 4.13 -1.20
C TYR B 53 3.38 2.98 -1.08
N LYS B 54 4.50 3.09 -1.80
CA LYS B 54 5.64 2.19 -1.60
C LYS B 54 6.37 2.71 -0.38
N ASP B 55 7.12 1.82 0.28
CA ASP B 55 7.77 2.10 1.58
C ASP B 55 9.21 1.64 1.43
N SER B 56 10.16 2.46 1.84
CA SER B 56 11.57 2.05 1.82
C SER B 56 11.91 1.08 2.95
N GLN B 57 10.98 0.94 3.91
CA GLN B 57 11.03 -0.08 4.95
C GLN B 57 9.78 -0.95 4.79
N PRO B 58 9.79 -1.88 3.80
CA PRO B 58 8.54 -2.56 3.44
C PRO B 58 7.90 -3.31 4.61
N ARG B 59 6.66 -2.97 4.95
CA ARG B 59 5.97 -3.64 6.07
C ARG B 59 4.57 -4.14 5.68
N GLY B 60 3.98 -3.56 4.65
CA GLY B 60 2.65 -3.95 4.23
C GLY B 60 2.11 -2.90 3.29
N MET B 61 0.89 -3.09 2.82
CA MET B 61 0.33 -2.10 1.90
C MET B 61 -0.03 -0.78 2.60
N ALA B 62 0.76 0.25 2.34
CA ALA B 62 0.58 1.53 2.98
C ALA B 62 -0.38 2.36 2.10
N VAL B 63 -1.40 2.97 2.70
CA VAL B 63 -2.33 3.79 1.96
C VAL B 63 -2.69 5.10 2.68
N THR B 64 -3.09 6.10 1.88
CA THR B 64 -3.78 7.27 2.41
C THR B 64 -5.23 7.16 1.92
N ILE B 65 -6.15 7.77 2.66
CA ILE B 65 -7.55 7.79 2.28
C ILE B 65 -7.99 9.24 2.21
N SER B 66 -8.46 9.66 1.05
CA SER B 66 -8.81 11.04 0.85
C SER B 66 -10.13 11.15 0.10
N VAL B 67 -10.68 12.33 0.04
CA VAL B 67 -11.98 12.56 -0.49
C VAL B 67 -12.10 14.00 -1.02
N LYS B 68 -12.71 14.16 -2.19
CA LYS B 68 -12.87 15.46 -2.82
C LYS B 68 -14.29 15.98 -2.67
N SER B 69 -14.48 16.94 -1.78
CA SER B 69 -15.79 17.55 -1.56
C SER B 69 -15.69 19.07 -1.48
N GLU B 70 -15.42 19.70 -2.61
CA GLU B 70 -15.07 21.11 -2.64
C GLU B 70 -13.64 21.50 -2.29
N LYS B 71 -12.91 20.57 -1.69
CA LYS B 71 -11.46 20.63 -1.68
C LYS B 71 -11.11 19.24 -1.26
N ILE B 72 -9.84 18.92 -1.27
CA ILE B 72 -9.43 17.55 -0.95
C ILE B 72 -9.10 17.40 0.52
N SER B 73 -9.74 16.43 1.18
CA SER B 73 -9.46 16.13 2.57
C SER B 73 -8.89 14.73 2.71
N THR B 74 -7.90 14.62 3.61
CA THR B 74 -7.16 13.39 3.86
C THR B 74 -7.38 12.90 5.30
N LEU B 75 -7.71 11.62 5.42
CA LEU B 75 -7.92 11.02 6.73
C LEU B 75 -6.63 10.98 7.55
N SER B 76 -6.76 11.33 8.82
CA SER B 76 -5.67 11.40 9.75
C SER B 76 -5.98 10.67 11.08
N SER B 77 -4.97 10.04 11.67
CA SER B 77 -5.11 9.45 13.00
C SER B 77 -4.35 10.23 14.08
N GLU B 78 -4.08 11.50 13.81
CA GLU B 78 -3.35 12.37 14.70
C GLU B 78 -4.02 12.45 16.05
N ASN B 79 -3.22 12.33 17.11
CA ASN B 79 -3.72 12.39 18.48
C ASN B 79 -4.68 11.25 18.79
N LYS B 80 -4.57 10.17 18.04
CA LYS B 80 -5.36 8.97 18.28
C LYS B 80 -6.85 9.24 18.05
N ILE B 81 -7.15 10.41 17.49
CA ILE B 81 -8.48 10.68 16.96
C ILE B 81 -8.49 10.66 15.43
N ILE B 82 -9.54 10.07 14.86
CA ILE B 82 -9.74 10.11 13.41
C ILE B 82 -10.39 11.43 13.01
N SER B 83 -9.79 12.12 12.04
CA SER B 83 -10.36 13.32 11.47
C SER B 83 -9.89 13.50 10.03
N PHE B 84 -10.44 14.46 9.33
CA PHE B 84 -9.93 14.86 8.06
C PHE B 84 -9.06 16.08 8.17
N LYS B 85 -7.98 16.11 7.44
CA LYS B 85 -7.15 17.28 7.23
C LYS B 85 -7.28 17.79 5.81
N GLU B 86 -7.31 19.11 5.65
CA GLU B 86 -7.40 19.69 4.33
C GLU B 86 -6.09 19.75 3.59
N MET B 87 -5.82 18.73 2.77
CA MET B 87 -4.54 18.56 2.15
C MET B 87 -4.61 17.48 1.12
N ASN B 88 -3.79 17.55 0.10
CA ASN B 88 -3.58 16.45 -0.82
C ASN B 88 -2.60 15.46 -0.27
N PRO B 89 -2.89 14.18 -0.31
CA PRO B 89 -1.84 13.22 -0.05
C PRO B 89 -0.58 13.46 -0.89
N PRO B 90 0.52 13.71 -0.24
CA PRO B 90 1.73 14.19 -0.92
C PRO B 90 2.42 13.07 -1.70
N ASP B 91 3.24 13.44 -2.68
CA ASP B 91 4.00 12.49 -3.47
C ASP B 91 5.05 11.71 -2.66
N ASN B 92 5.62 12.34 -1.63
CA ASN B 92 6.51 11.65 -0.69
C ASN B 92 6.23 11.98 0.76
N ILE B 93 6.29 10.96 1.62
CA ILE B 93 6.14 11.15 3.07
C ILE B 93 7.44 10.70 3.74
N LYS B 94 8.15 11.65 4.35
CA LYS B 94 9.50 11.39 4.86
C LYS B 94 9.57 10.65 6.21
N ASP B 95 8.45 10.57 6.90
CA ASP B 95 8.40 10.00 8.22
C ASP B 95 8.34 8.48 8.08
N THR B 96 8.86 7.76 9.05
CA THR B 96 8.70 6.32 9.10
C THR B 96 7.26 5.86 9.46
N LYS B 97 6.64 6.59 10.36
CA LYS B 97 5.26 6.46 10.72
C LYS B 97 4.60 7.75 10.29
N SER B 98 3.37 7.69 9.86
CA SER B 98 2.66 8.90 9.46
C SER B 98 1.20 8.84 9.91
N ASP B 99 0.69 9.98 10.39
CA ASP B 99 -0.71 10.14 10.78
C ASP B 99 -1.72 9.93 9.65
N ILE B 100 -1.25 10.04 8.41
CA ILE B 100 -2.13 9.89 7.24
C ILE B 100 -1.94 8.54 6.50
N ILE B 101 -0.96 7.76 6.94
CA ILE B 101 -0.74 6.41 6.39
C ILE B 101 -1.39 5.31 7.24
N PHE B 102 -2.13 4.45 6.56
CA PHE B 102 -2.73 3.28 7.18
C PHE B 102 -2.21 2.06 6.46
N PHE B 103 -2.01 0.96 7.17
CA PHE B 103 -1.71 -0.31 6.48
C PHE B 103 -3.00 -1.07 6.24
N GLN B 104 -3.29 -1.31 4.97
CA GLN B 104 -4.52 -2.01 4.59
C GLN B 104 -4.27 -3.51 4.45
N ARG B 105 -5.11 -4.31 5.09
CA ARG B 105 -4.99 -5.76 5.04
C ARG B 105 -6.33 -6.41 4.68
N SER B 106 -6.27 -7.60 4.08
CA SER B 106 -7.34 -8.57 4.17
C SER B 106 -7.60 -8.96 5.63
N VAL B 107 -8.88 -9.06 5.98
CA VAL B 107 -9.27 -9.49 7.32
C VAL B 107 -9.11 -11.01 7.44
N PRO B 108 -8.35 -11.49 8.46
CA PRO B 108 -8.29 -12.94 8.79
C PRO B 108 -9.69 -13.54 8.94
N GLY B 109 -9.99 -14.59 8.17
CA GLY B 109 -11.29 -15.28 8.20
C GLY B 109 -12.46 -14.62 7.44
N HIS B 110 -12.22 -13.43 6.89
CA HIS B 110 -13.23 -12.65 6.18
C HIS B 110 -12.53 -12.10 4.96
N ASP B 111 -12.26 -13.02 4.05
CA ASP B 111 -11.22 -12.83 3.05
C ASP B 111 -11.57 -11.79 1.98
N ASN B 112 -12.85 -11.44 1.88
CA ASN B 112 -13.27 -10.32 1.08
C ASN B 112 -13.41 -8.96 1.75
N LYS B 113 -13.01 -8.86 2.98
CA LYS B 113 -13.13 -7.64 3.78
C LYS B 113 -11.75 -7.06 4.06
N MET B 114 -11.71 -5.75 4.33
CA MET B 114 -10.46 -5.01 4.64
C MET B 114 -10.43 -4.45 6.05
N GLN B 115 -9.22 -4.28 6.60
CA GLN B 115 -8.99 -3.54 7.83
C GLN B 115 -7.81 -2.58 7.57
N PHE B 116 -7.81 -1.49 8.31
CA PHE B 116 -6.84 -0.41 8.14
C PHE B 116 -6.18 -0.11 9.48
N GLU B 117 -4.90 -0.46 9.61
CA GLU B 117 -4.14 -0.18 10.83
C GLU B 117 -3.43 1.17 10.73
N SER B 118 -3.51 1.98 11.78
CA SER B 118 -2.80 3.24 11.83
C SER B 118 -1.29 2.94 11.79
N SER B 119 -0.56 3.59 10.90
CA SER B 119 0.89 3.44 10.94
C SER B 119 1.48 4.15 12.17
N SER B 120 0.77 5.12 12.70
CA SER B 120 1.24 5.90 13.84
C SER B 120 1.09 5.18 15.17
N TYR B 121 0.03 4.37 15.30
CA TYR B 121 -0.30 3.75 16.57
C TYR B 121 -0.56 2.25 16.40
N GLU B 122 0.49 1.45 16.54
CA GLU B 122 0.43 0.04 16.17
C GLU B 122 -0.73 -0.66 16.86
N GLY B 123 -1.48 -1.45 16.08
CA GLY B 123 -2.55 -2.27 16.62
C GLY B 123 -3.82 -1.49 16.87
N TYR B 124 -3.82 -0.23 16.43
CA TYR B 124 -5.07 0.56 16.38
C TYR B 124 -5.62 0.57 14.95
N PHE B 125 -6.93 0.42 14.83
CA PHE B 125 -7.60 0.21 13.55
C PHE B 125 -8.72 1.21 13.36
N LEU B 126 -8.98 1.61 12.11
CA LEU B 126 -10.23 2.25 11.78
C LEU B 126 -11.39 1.31 12.16
N ALA B 127 -12.41 1.87 12.76
CA ALA B 127 -13.55 1.09 13.22
C ALA B 127 -14.82 1.92 13.08
N SER B 128 -15.92 1.22 12.85
CA SER B 128 -17.23 1.85 12.87
C SER B 128 -17.77 1.75 14.31
N GLU B 129 -18.23 2.88 14.84
CA GLU B 129 -18.74 2.93 16.20
C GLU B 129 -20.06 3.70 16.27
N LYS B 130 -21.04 3.10 16.94
CA LYS B 130 -22.41 3.62 16.93
C LYS B 130 -22.64 4.57 18.10
N LEU B 134 -25.57 8.76 15.84
CA LEU B 134 -24.46 8.82 14.92
C LEU B 134 -23.80 7.46 14.72
N PHE B 135 -23.30 7.21 13.50
CA PHE B 135 -22.31 6.16 13.28
C PHE B 135 -20.97 6.76 12.86
N LYS B 136 -19.97 6.59 13.71
CA LYS B 136 -18.68 7.24 13.50
C LYS B 136 -17.63 6.24 13.00
N LEU B 137 -16.76 6.70 12.11
CA LEU B 137 -15.41 6.17 12.00
C LEU B 137 -14.55 6.61 13.17
N ILE B 138 -14.03 5.64 13.92
CA ILE B 138 -13.15 5.94 15.06
C ILE B 138 -11.85 5.15 14.95
N LEU B 139 -10.91 5.40 15.87
CA LEU B 139 -9.66 4.65 15.92
C LEU B 139 -9.61 3.76 17.16
N LYS B 140 -9.26 2.49 16.96
CA LYS B 140 -9.60 1.45 17.91
C LYS B 140 -8.52 0.39 17.99
N LYS B 141 -7.73 0.43 19.06
CA LYS B 141 -7.03 -0.75 19.55
C LYS B 141 -7.89 -2.00 19.39
N GLU B 142 -7.37 -2.99 18.67
CA GLU B 142 -8.00 -4.28 18.58
C GLU B 142 -7.62 -5.17 19.74
N ASP B 143 -8.62 -5.57 20.50
CA ASP B 143 -8.48 -6.13 21.84
C ASP B 143 -9.02 -7.56 21.76
N GLU B 144 -9.68 -7.88 20.65
CA GLU B 144 -10.49 -9.09 20.55
C GLU B 144 -10.48 -9.64 19.14
N LEU B 145 -10.42 -10.96 19.02
CA LEU B 145 -10.46 -11.62 17.72
C LEU B 145 -11.86 -11.60 17.13
N GLY B 146 -11.95 -11.29 15.83
CA GLY B 146 -13.21 -11.29 15.13
C GLY B 146 -14.07 -10.09 15.48
N ASP B 147 -13.43 -8.98 15.81
CA ASP B 147 -14.13 -7.72 16.04
C ASP B 147 -14.61 -7.21 14.68
N ARG B 148 -15.90 -7.28 14.45
CA ARG B 148 -16.46 -6.93 13.18
C ARG B 148 -16.42 -5.46 12.86
N SER B 149 -16.34 -4.66 13.89
CA SER B 149 -16.38 -3.21 13.72
C SER B 149 -15.17 -2.65 12.96
N ILE B 150 -14.05 -3.38 12.96
CA ILE B 150 -12.87 -2.98 12.19
C ILE B 150 -12.82 -3.55 10.76
N MET B 151 -13.88 -4.22 10.32
CA MET B 151 -13.93 -4.89 9.01
C MET B 151 -14.71 -4.03 8.03
N PHE B 152 -14.20 -3.88 6.82
CA PHE B 152 -14.83 -3.04 5.79
C PHE B 152 -14.94 -3.73 4.44
N THR B 153 -16.02 -3.41 3.75
CA THR B 153 -16.19 -3.75 2.34
C THR B 153 -15.69 -2.55 1.54
N VAL B 154 -14.73 -2.80 0.67
CA VAL B 154 -14.16 -1.74 -0.17
C VAL B 154 -14.47 -1.97 -1.63
N GLN B 155 -15.46 -1.25 -2.15
CA GLN B 155 -16.02 -1.53 -3.46
C GLN B 155 -15.41 -0.62 -4.53
N ASN B 156 -15.09 -1.20 -5.68
CA ASN B 156 -14.47 -0.44 -6.76
C ASN B 156 -15.48 0.45 -7.49
N GLU B 157 -15.15 1.73 -7.61
CA GLU B 157 -15.86 2.61 -8.50
C GLU B 157 -15.17 2.79 -9.86
#